data_8S5T
#
_entry.id   8S5T
#
_cell.length_a   120.222
_cell.length_b   120.222
_cell.length_c   65.241
_cell.angle_alpha   90.000
_cell.angle_beta   90.000
_cell.angle_gamma   120.000
#
_symmetry.space_group_name_H-M   'P 31 2 1'
#
loop_
_entity.id
_entity.type
_entity.pdbx_description
1 polymer 'Effector SemD'
2 polymer 'Neural Wiskott-Aldrich syndrome protein'
#
loop_
_entity_poly.entity_id
_entity_poly.type
_entity_poly.pdbx_seq_one_letter_code
_entity_poly.pdbx_strand_id
1 'polypeptide(L)'
;MGKKSPDSSQGASGPAMQSPSGPTIRPTRPAPPPPTTGGANAKRPATHGKGRAPQPPTAGSSSGSEQPTAMSSEVAKLVS
ELKDAVHSHAESQKVLKKVSQELQTKWTDWENNRGPDYLLHGYRVIARALQQTYTEQSMLIEGTSSTGPVPQAVTVAKDA
VTQTVRGAIKNLENPKPGNDPDGVLMQVVISLGIEGPTLDPGESIQNFLETRVSDFGGDDSDIDYTSDIARLGSALDRVR
ENHPNEMPRIWIALARELGAAVHSHATSVRIANAGKNHTRDVVRMANESSRLLQGMKVLSVGAWANTMTVLIGDLFEHHH
HHHHHH
;
D
2 'polypeptide(L)'
;KKKRLTKADIGTPSNFQHIGHVGWDPNTGFDLNNLDPELKNLFDMCGISEAQLKDRETSKVIYDFIEKTGGVEAVKNELR
RQAENLYFQGLEH
;
A
#
# COMPACT_ATOMS: atom_id res chain seq x y z
N ALA A 70 4.38 39.41 -17.60
CA ALA A 70 3.01 38.94 -17.79
C ALA A 70 2.02 40.05 -18.29
N MET A 71 2.50 41.01 -19.10
CA MET A 71 1.66 42.11 -19.61
C MET A 71 0.39 41.59 -20.28
N SER A 72 0.54 40.75 -21.32
CA SER A 72 -0.60 40.26 -22.09
C SER A 72 -1.53 39.40 -21.24
N SER A 73 -2.80 39.34 -21.66
CA SER A 73 -3.78 38.52 -20.95
C SER A 73 -3.41 37.05 -20.99
N GLU A 74 -2.54 36.66 -21.91
CA GLU A 74 -2.41 35.27 -22.27
C GLU A 74 -1.11 34.68 -21.78
N VAL A 75 -0.15 35.56 -21.51
CA VAL A 75 1.08 35.28 -20.79
C VAL A 75 0.89 35.39 -19.29
N ALA A 76 -0.06 36.20 -18.85
CA ALA A 76 -0.29 36.29 -17.42
C ALA A 76 -0.81 34.96 -16.89
N LYS A 77 -1.62 34.25 -17.68
CA LYS A 77 -2.09 32.93 -17.28
C LYS A 77 -0.96 31.92 -17.27
N LEU A 78 -0.14 31.91 -18.32
CA LEU A 78 1.06 31.08 -18.28
C LEU A 78 1.87 31.36 -17.03
N VAL A 79 2.11 32.64 -16.73
CA VAL A 79 2.90 32.96 -15.54
C VAL A 79 2.19 32.45 -14.32
N SER A 80 0.90 32.75 -14.19
CA SER A 80 0.15 32.34 -13.00
C SER A 80 0.17 30.82 -12.82
N GLU A 81 -0.16 30.07 -13.89
CA GLU A 81 -0.26 28.62 -13.75
C GLU A 81 1.07 28.01 -13.33
N LEU A 82 2.16 28.41 -13.98
CA LEU A 82 3.47 27.87 -13.63
C LEU A 82 3.92 28.35 -12.25
N LYS A 83 3.79 29.65 -11.97
CA LYS A 83 3.88 30.17 -10.60
C LYS A 83 3.29 29.22 -9.60
N ASP A 84 2.01 28.93 -9.79
CA ASP A 84 1.26 28.10 -8.86
C ASP A 84 1.83 26.68 -8.80
N ALA A 85 1.97 26.05 -9.96
CA ALA A 85 2.55 24.71 -10.04
C ALA A 85 3.86 24.61 -9.24
N VAL A 86 4.78 25.56 -9.44
CA VAL A 86 6.05 25.49 -8.73
C VAL A 86 5.85 25.71 -7.24
N HIS A 87 4.92 26.59 -6.87
CA HIS A 87 4.85 26.93 -5.45
C HIS A 87 4.19 25.83 -4.66
N SER A 88 3.04 25.35 -5.14
CA SER A 88 2.29 24.39 -4.35
C SER A 88 2.95 23.03 -4.38
N HIS A 89 3.77 22.74 -5.39
CA HIS A 89 4.70 21.61 -5.29
C HIS A 89 5.64 21.78 -4.10
N ALA A 90 6.53 22.78 -4.16
CA ALA A 90 7.50 23.00 -3.10
C ALA A 90 6.83 23.34 -1.77
N GLU A 91 5.55 23.71 -1.80
CA GLU A 91 4.76 23.86 -0.58
C GLU A 91 4.42 22.50 0.02
N SER A 92 3.84 21.61 -0.78
CA SER A 92 3.58 20.24 -0.35
C SER A 92 4.86 19.49 0.03
N GLN A 93 6.02 19.87 -0.52
CA GLN A 93 7.27 19.27 -0.04
C GLN A 93 7.61 19.72 1.37
N LYS A 94 7.32 20.98 1.70
CA LYS A 94 7.56 21.47 3.07
C LYS A 94 6.76 20.65 4.07
N VAL A 95 5.47 20.48 3.81
CA VAL A 95 4.59 19.65 4.63
C VAL A 95 5.20 18.27 4.88
N LEU A 96 5.22 17.43 3.84
CA LEU A 96 5.89 16.14 3.87
C LEU A 96 7.18 16.13 4.68
N LYS A 97 8.00 17.19 4.57
CA LYS A 97 9.26 17.20 5.30
C LYS A 97 9.02 17.28 6.79
N LYS A 98 8.06 18.11 7.22
CA LYS A 98 7.73 18.22 8.64
C LYS A 98 7.17 16.91 9.18
N VAL A 99 6.21 16.32 8.47
CA VAL A 99 5.67 15.02 8.88
C VAL A 99 6.79 13.98 8.94
N SER A 100 7.67 13.95 7.92
CA SER A 100 8.80 13.02 7.93
C SER A 100 9.68 13.23 9.15
N GLN A 101 10.15 14.46 9.38
CA GLN A 101 10.99 14.74 10.54
C GLN A 101 10.33 14.38 11.87
N GLU A 102 9.01 14.57 11.99
CA GLU A 102 8.32 14.08 13.19
C GLU A 102 8.46 12.57 13.30
N LEU A 103 7.99 11.86 12.28
CA LEU A 103 8.04 10.40 12.28
C LEU A 103 9.46 9.88 12.50
N GLN A 104 10.47 10.63 12.04
CA GLN A 104 11.87 10.24 12.19
C GLN A 104 12.36 10.37 13.62
N THR A 105 12.16 11.54 14.25
CA THR A 105 12.64 11.72 15.62
C THR A 105 11.92 10.77 16.57
N LYS A 106 10.62 10.55 16.35
CA LYS A 106 9.87 9.67 17.24
C LYS A 106 10.41 8.24 17.17
N TRP A 107 10.43 7.66 15.97
CA TRP A 107 10.91 6.30 15.79
C TRP A 107 12.35 6.16 16.23
N THR A 108 13.17 7.18 15.98
CA THR A 108 14.55 7.10 16.40
C THR A 108 14.63 7.03 17.90
N ASP A 109 13.93 7.93 18.58
CA ASP A 109 13.90 7.89 20.02
C ASP A 109 13.33 6.56 20.52
N TRP A 110 12.15 6.20 20.04
CA TRP A 110 11.48 5.00 20.51
C TRP A 110 12.34 3.75 20.32
N GLU A 111 13.14 3.71 19.27
CA GLU A 111 14.07 2.60 19.11
C GLU A 111 15.15 2.67 20.18
N ASN A 112 15.79 3.85 20.31
CA ASN A 112 16.96 4.04 21.17
C ASN A 112 16.62 4.07 22.65
N ASN A 113 15.34 4.27 22.98
CA ASN A 113 14.93 4.32 24.38
C ASN A 113 14.09 3.08 24.65
N ARG A 114 12.79 3.20 24.39
CA ARG A 114 11.76 2.22 24.69
C ARG A 114 11.98 0.80 24.14
N GLY A 115 13.19 0.53 23.59
CA GLY A 115 13.59 -0.77 23.09
C GLY A 115 12.49 -1.61 22.48
N PRO A 116 12.22 -2.77 23.08
CA PRO A 116 11.29 -3.73 22.47
C PRO A 116 9.84 -3.28 22.44
N ASP A 117 9.50 -2.10 22.99
CA ASP A 117 8.15 -1.62 22.78
C ASP A 117 7.99 -0.96 21.42
N TYR A 118 9.06 -0.38 20.90
CA TYR A 118 9.11 0.02 19.50
C TYR A 118 8.78 -1.17 18.61
N LEU A 119 9.69 -2.15 18.57
CA LEU A 119 9.42 -3.45 17.94
C LEU A 119 7.97 -3.89 18.09
N LEU A 120 7.50 -4.00 19.33
CA LEU A 120 6.12 -4.42 19.51
C LEU A 120 5.16 -3.49 18.79
N HIS A 121 5.44 -2.19 18.73
CA HIS A 121 4.44 -1.36 18.07
C HIS A 121 4.58 -1.48 16.55
N GLY A 122 5.81 -1.67 16.09
CA GLY A 122 6.04 -1.84 14.67
C GLY A 122 5.21 -2.96 14.09
N TYR A 123 5.07 -4.06 14.82
CA TYR A 123 4.26 -5.15 14.31
C TYR A 123 2.82 -4.69 14.15
N ARG A 124 2.33 -3.93 15.12
CA ARG A 124 0.94 -3.55 15.08
C ARG A 124 0.68 -2.53 13.98
N VAL A 125 1.66 -1.67 13.67
CA VAL A 125 1.50 -0.70 12.59
C VAL A 125 1.43 -1.41 11.25
N ILE A 126 2.36 -2.36 11.02
CA ILE A 126 2.22 -3.32 9.94
C ILE A 126 0.90 -4.07 10.02
N ALA A 127 0.66 -4.75 11.15
CA ALA A 127 -0.57 -5.55 11.27
C ALA A 127 -1.79 -4.74 10.86
N ARG A 128 -1.82 -3.46 11.23
CA ARG A 128 -2.92 -2.60 10.85
C ARG A 128 -2.94 -2.35 9.35
N ALA A 129 -1.76 -2.27 8.72
CA ALA A 129 -1.65 -1.93 7.30
C ALA A 129 -2.01 -3.09 6.37
N LEU A 130 -1.84 -4.33 6.88
CA LEU A 130 -2.27 -5.53 6.17
C LEU A 130 -3.79 -5.63 6.15
N GLN A 131 -4.40 -5.42 7.32
CA GLN A 131 -5.84 -5.36 7.40
C GLN A 131 -6.41 -4.28 6.48
N GLN A 132 -5.72 -3.13 6.34
CA GLN A 132 -6.24 -2.05 5.50
C GLN A 132 -6.24 -2.46 4.04
N THR A 133 -5.16 -3.06 3.55
CA THR A 133 -5.19 -3.49 2.16
C THR A 133 -6.21 -4.61 1.96
N TYR A 134 -6.45 -5.42 2.99
CA TYR A 134 -7.47 -6.46 2.87
C TYR A 134 -8.81 -5.84 2.51
N THR A 135 -9.33 -4.98 3.40
CA THR A 135 -10.63 -4.37 3.20
C THR A 135 -10.67 -3.46 1.98
N GLU A 136 -9.56 -2.77 1.68
CA GLU A 136 -9.52 -1.96 0.46
C GLU A 136 -9.69 -2.83 -0.77
N GLN A 137 -8.90 -3.91 -0.87
CA GLN A 137 -8.95 -4.78 -2.04
C GLN A 137 -10.18 -5.70 -2.03
N SER A 138 -10.80 -5.88 -0.86
CA SER A 138 -12.07 -6.59 -0.81
C SER A 138 -13.09 -5.92 -1.70
N MET A 139 -13.05 -4.60 -1.80
CA MET A 139 -14.12 -3.91 -2.49
C MET A 139 -13.82 -3.70 -3.97
N LEU A 140 -12.73 -4.29 -4.48
CA LEU A 140 -12.50 -4.39 -5.92
C LEU A 140 -12.86 -5.77 -6.49
N ILE A 141 -12.99 -6.81 -5.66
CA ILE A 141 -13.25 -8.13 -6.21
C ILE A 141 -14.54 -8.13 -7.01
N GLU A 142 -14.52 -8.85 -8.13
CA GLU A 142 -15.66 -9.06 -9.00
C GLU A 142 -16.77 -9.71 -8.19
N GLY A 143 -17.04 -10.97 -8.44
CA GLY A 143 -18.02 -11.64 -7.61
C GLY A 143 -17.35 -12.56 -6.61
N THR A 144 -17.74 -12.48 -5.34
CA THR A 144 -17.42 -13.55 -4.40
C THR A 144 -17.87 -14.92 -4.92
N SER A 145 -18.85 -14.96 -5.82
CA SER A 145 -19.26 -16.20 -6.47
C SER A 145 -18.24 -16.64 -7.53
N SER A 146 -18.03 -17.96 -7.63
CA SER A 146 -17.19 -18.57 -8.65
C SER A 146 -18.01 -18.73 -9.91
N THR A 147 -17.83 -17.79 -10.85
CA THR A 147 -18.78 -17.56 -11.93
C THR A 147 -18.53 -18.49 -13.12
N GLY A 148 -17.27 -18.87 -13.33
CA GLY A 148 -16.90 -19.99 -14.16
C GLY A 148 -15.83 -20.80 -13.47
N PRO A 149 -14.92 -21.42 -14.23
CA PRO A 149 -13.74 -22.05 -13.61
C PRO A 149 -12.77 -21.00 -13.13
N VAL A 150 -12.19 -21.23 -11.94
CA VAL A 150 -11.12 -20.38 -11.40
C VAL A 150 -9.95 -20.49 -12.36
N PRO A 151 -9.53 -19.39 -13.07
CA PRO A 151 -8.52 -19.53 -14.12
C PRO A 151 -7.25 -20.23 -13.62
N GLN A 152 -6.42 -20.74 -14.52
CA GLN A 152 -5.24 -21.43 -14.01
C GLN A 152 -4.31 -20.46 -13.29
N ALA A 153 -4.14 -19.26 -13.87
CA ALA A 153 -3.15 -18.31 -13.38
C ALA A 153 -3.40 -17.89 -11.95
N VAL A 154 -4.67 -17.88 -11.53
CA VAL A 154 -5.03 -17.45 -10.17
C VAL A 154 -4.92 -18.59 -9.18
N THR A 155 -5.19 -19.82 -9.61
CA THR A 155 -4.94 -20.94 -8.71
C THR A 155 -3.45 -21.02 -8.41
N VAL A 156 -2.64 -20.83 -9.45
CA VAL A 156 -1.20 -20.93 -9.29
C VAL A 156 -0.70 -19.77 -8.44
N ALA A 157 -1.29 -18.59 -8.63
CA ALA A 157 -0.91 -17.44 -7.81
C ALA A 157 -1.28 -17.65 -6.34
N LYS A 158 -2.49 -18.14 -6.07
CA LYS A 158 -2.90 -18.32 -4.68
C LYS A 158 -2.01 -19.34 -3.99
N ASP A 159 -1.69 -20.43 -4.67
CA ASP A 159 -0.80 -21.43 -4.09
C ASP A 159 0.59 -20.86 -3.80
N ALA A 160 1.14 -20.06 -4.72
CA ALA A 160 2.44 -19.44 -4.49
C ALA A 160 2.45 -18.55 -3.26
N VAL A 161 1.32 -17.87 -2.99
CA VAL A 161 1.20 -17.06 -1.78
C VAL A 161 1.41 -17.90 -0.53
N THR A 162 0.71 -19.04 -0.46
CA THR A 162 0.84 -19.91 0.71
C THR A 162 2.24 -20.47 0.84
N GLN A 163 2.87 -20.83 -0.28
CA GLN A 163 4.20 -21.45 -0.23
C GLN A 163 5.28 -20.45 0.13
N THR A 164 5.32 -19.30 -0.57
CA THR A 164 6.34 -18.32 -0.23
C THR A 164 6.16 -17.81 1.19
N VAL A 165 4.92 -17.77 1.71
CA VAL A 165 4.72 -17.22 3.05
C VAL A 165 5.07 -18.26 4.12
N ARG A 166 4.66 -19.52 3.91
CA ARG A 166 5.08 -20.56 4.84
C ARG A 166 6.60 -20.70 4.86
N GLY A 167 7.26 -20.35 3.75
CA GLY A 167 8.72 -20.45 3.68
C GLY A 167 9.45 -19.24 4.22
N ALA A 168 8.82 -18.07 4.13
CA ALA A 168 9.32 -16.91 4.85
C ALA A 168 9.16 -17.10 6.35
N ILE A 169 8.06 -17.75 6.74
CA ILE A 169 7.87 -18.19 8.13
C ILE A 169 8.98 -19.14 8.55
N LYS A 170 9.38 -20.06 7.66
CA LYS A 170 10.33 -21.11 8.02
C LYS A 170 11.77 -20.59 8.11
N ASN A 171 12.23 -19.79 7.13
CA ASN A 171 13.59 -19.20 7.24
C ASN A 171 13.82 -18.54 8.60
N LEU A 172 12.75 -18.20 9.31
CA LEU A 172 12.79 -17.39 10.51
C LEU A 172 12.64 -18.23 11.78
N GLU A 173 11.78 -19.26 11.75
CA GLU A 173 11.37 -20.01 12.93
C GLU A 173 12.03 -21.39 13.05
N ASN A 174 12.13 -22.18 11.95
CA ASN A 174 12.81 -23.48 11.93
C ASN A 174 13.94 -23.51 10.90
N PRO A 175 15.06 -22.80 11.15
CA PRO A 175 16.09 -22.68 10.11
C PRO A 175 17.00 -23.90 9.95
N LYS A 176 18.20 -23.64 9.43
CA LYS A 176 19.25 -24.63 9.32
C LYS A 176 20.52 -23.81 9.54
N PRO A 177 21.43 -24.27 10.43
CA PRO A 177 22.64 -23.56 10.86
C PRO A 177 23.52 -23.05 9.70
N ASP A 180 20.64 -20.99 10.83
CA ASP A 180 20.70 -19.69 11.49
C ASP A 180 19.46 -18.86 11.07
N PRO A 181 18.75 -18.27 12.04
CA PRO A 181 17.49 -17.58 11.72
C PRO A 181 17.72 -16.32 10.89
N ASP A 182 16.89 -16.18 9.85
CA ASP A 182 17.00 -15.11 8.87
C ASP A 182 15.59 -14.67 8.51
N GLY A 183 15.38 -13.36 8.40
CA GLY A 183 14.05 -12.83 8.23
C GLY A 183 13.82 -11.99 6.98
N VAL A 184 14.84 -11.93 6.12
CA VAL A 184 14.76 -11.15 4.90
C VAL A 184 13.55 -11.57 4.07
N LEU A 185 13.24 -12.88 4.02
CA LEU A 185 12.07 -13.31 3.27
C LEU A 185 10.77 -12.77 3.88
N MET A 186 10.60 -12.90 5.20
CA MET A 186 9.46 -12.27 5.87
C MET A 186 9.32 -10.81 5.46
N GLN A 187 10.41 -10.05 5.63
CA GLN A 187 10.42 -8.62 5.35
C GLN A 187 9.89 -8.32 3.96
N VAL A 188 10.37 -9.06 2.95
CA VAL A 188 10.02 -8.74 1.56
C VAL A 188 8.53 -8.92 1.32
N VAL A 189 7.99 -10.09 1.69
CA VAL A 189 6.58 -10.36 1.41
C VAL A 189 5.71 -9.42 2.20
N ILE A 190 6.16 -8.99 3.38
CA ILE A 190 5.44 -7.97 4.14
C ILE A 190 5.37 -6.68 3.32
N SER A 191 6.48 -6.29 2.72
CA SER A 191 6.45 -5.08 1.90
C SER A 191 5.55 -5.28 0.70
N LEU A 192 5.63 -6.45 0.05
CA LEU A 192 4.70 -6.83 -1.01
C LEU A 192 3.25 -6.71 -0.56
N GLY A 193 2.94 -7.19 0.65
CA GLY A 193 1.55 -7.21 1.10
C GLY A 193 0.99 -5.82 1.32
N ILE A 194 1.75 -4.96 1.99
CA ILE A 194 1.33 -3.57 2.23
C ILE A 194 1.47 -2.73 0.98
N GLU A 195 2.65 -2.74 0.36
CA GLU A 195 2.97 -1.80 -0.70
C GLU A 195 2.53 -2.30 -2.08
N GLY A 196 2.42 -3.60 -2.29
CA GLY A 196 2.15 -4.13 -3.60
C GLY A 196 0.86 -3.66 -4.25
N PRO A 197 -0.27 -3.77 -3.52
CA PRO A 197 -1.56 -3.26 -4.03
C PRO A 197 -1.55 -1.77 -4.40
N THR A 198 -0.61 -0.98 -3.89
CA THR A 198 -0.50 0.42 -4.22
C THR A 198 0.36 0.69 -5.45
N LEU A 199 1.01 -0.32 -6.01
CA LEU A 199 1.86 -0.05 -7.14
C LEU A 199 1.01 0.25 -8.36
N ASP A 200 1.55 1.10 -9.23
CA ASP A 200 1.06 1.19 -10.60
C ASP A 200 0.88 -0.20 -11.20
N PRO A 201 -0.26 -0.49 -11.84
CA PRO A 201 -0.47 -1.81 -12.45
C PRO A 201 0.62 -2.19 -13.42
N GLY A 202 1.32 -1.22 -13.97
CA GLY A 202 2.44 -1.47 -14.87
C GLY A 202 3.69 -1.97 -14.19
N GLU A 203 3.80 -1.84 -12.87
CA GLU A 203 5.04 -2.25 -12.21
C GLU A 203 5.14 -3.76 -12.12
N SER A 204 6.34 -4.26 -12.41
CA SER A 204 6.64 -5.69 -12.36
C SER A 204 6.73 -6.15 -10.91
N ILE A 205 5.92 -7.15 -10.56
CA ILE A 205 6.02 -7.73 -9.22
C ILE A 205 7.33 -8.47 -9.06
N GLN A 206 7.79 -9.14 -10.12
CA GLN A 206 9.13 -9.74 -10.08
C GLN A 206 10.19 -8.71 -9.76
N ASN A 207 10.18 -7.59 -10.45
CA ASN A 207 11.19 -6.56 -10.22
C ASN A 207 11.08 -6.01 -8.81
N PHE A 208 9.88 -5.64 -8.37
CA PHE A 208 9.66 -5.20 -7.00
C PHE A 208 10.30 -6.17 -5.99
N LEU A 209 10.04 -7.47 -6.14
CA LEU A 209 10.56 -8.43 -5.19
C LEU A 209 12.07 -8.54 -5.26
N GLU A 210 12.65 -8.42 -6.45
CA GLU A 210 14.08 -8.48 -6.56
C GLU A 210 14.72 -7.28 -5.88
N THR A 211 14.28 -6.07 -6.25
CA THR A 211 14.75 -4.84 -5.62
C THR A 211 14.67 -4.92 -4.09
N ARG A 212 13.66 -5.63 -3.56
CA ARG A 212 13.49 -5.59 -2.13
C ARG A 212 14.40 -6.56 -1.40
N VAL A 213 14.86 -7.65 -2.02
CA VAL A 213 15.84 -8.47 -1.32
C VAL A 213 17.18 -7.74 -1.24
N SER A 214 17.48 -6.81 -2.16
CA SER A 214 18.70 -6.01 -2.01
C SER A 214 18.54 -4.97 -0.92
N ASP A 215 17.39 -4.28 -0.92
CA ASP A 215 17.07 -3.22 0.04
C ASP A 215 17.01 -3.73 1.46
N PHE A 216 16.77 -5.03 1.67
CA PHE A 216 16.74 -5.63 3.00
C PHE A 216 18.02 -6.40 3.32
N GLY A 217 19.06 -6.30 2.50
CA GLY A 217 20.28 -7.05 2.76
C GLY A 217 20.60 -8.13 1.74
N GLY A 218 20.06 -9.33 1.96
CA GLY A 218 19.89 -10.34 0.92
C GLY A 218 21.04 -10.81 0.06
N ASP A 219 21.77 -9.88 -0.59
CA ASP A 219 22.89 -10.24 -1.46
C ASP A 219 24.04 -10.92 -0.69
N ASP A 220 24.38 -10.36 0.48
CA ASP A 220 25.38 -10.94 1.39
C ASP A 220 24.83 -12.17 2.11
N SER A 221 23.53 -12.21 2.41
CA SER A 221 22.97 -13.29 3.24
C SER A 221 23.16 -14.63 2.55
N ASP A 222 23.44 -15.65 3.36
CA ASP A 222 23.83 -16.92 2.78
C ASP A 222 22.64 -17.79 2.41
N ILE A 223 21.40 -17.31 2.57
CA ILE A 223 20.27 -18.01 1.97
C ILE A 223 20.10 -17.56 0.54
N ASP A 224 19.69 -18.49 -0.30
CA ASP A 224 19.37 -18.19 -1.68
C ASP A 224 17.87 -18.03 -1.79
N TYR A 225 17.44 -16.86 -2.22
CA TYR A 225 16.03 -16.55 -2.35
C TYR A 225 15.52 -16.69 -3.76
N THR A 226 16.42 -16.80 -4.75
CA THR A 226 16.01 -16.72 -6.15
C THR A 226 14.91 -17.71 -6.47
N SER A 227 14.86 -18.83 -5.74
CA SER A 227 13.75 -19.77 -5.89
C SER A 227 12.43 -19.15 -5.43
N ASP A 228 12.39 -18.62 -4.20
CA ASP A 228 11.14 -18.06 -3.70
C ASP A 228 10.68 -16.86 -4.53
N ILE A 229 11.59 -15.94 -4.88
CA ILE A 229 11.16 -14.75 -5.64
C ILE A 229 10.51 -15.15 -6.96
N ALA A 230 11.09 -16.09 -7.69
CA ALA A 230 10.56 -16.42 -9.01
C ALA A 230 9.23 -17.14 -8.89
N ARG A 231 9.04 -17.94 -7.83
CA ARG A 231 7.73 -18.47 -7.52
C ARG A 231 6.69 -17.36 -7.47
N LEU A 232 6.93 -16.35 -6.63
CA LEU A 232 5.95 -15.30 -6.40
C LEU A 232 5.85 -14.38 -7.60
N GLY A 233 6.97 -13.78 -7.99
CA GLY A 233 6.95 -12.86 -9.12
C GLY A 233 6.30 -13.46 -10.36
N SER A 234 6.68 -14.69 -10.71
CA SER A 234 6.08 -15.32 -11.90
C SER A 234 4.57 -15.38 -11.77
N ALA A 235 4.08 -15.94 -10.66
CA ALA A 235 2.65 -16.18 -10.46
C ALA A 235 1.86 -14.87 -10.44
N LEU A 236 2.34 -13.91 -9.64
CA LEU A 236 1.65 -12.66 -9.44
C LEU A 236 1.67 -11.83 -10.72
N ASP A 237 2.77 -11.87 -11.47
CA ASP A 237 2.83 -11.13 -12.72
C ASP A 237 1.95 -11.74 -13.81
N ARG A 238 1.77 -13.06 -13.80
CA ARG A 238 0.92 -13.69 -14.81
C ARG A 238 -0.52 -13.21 -14.65
N VAL A 239 -1.02 -13.20 -13.41
CA VAL A 239 -2.34 -12.62 -13.12
C VAL A 239 -2.35 -11.13 -13.45
N ARG A 240 -1.31 -10.41 -13.05
CA ARG A 240 -1.34 -8.97 -13.23
C ARG A 240 -1.49 -8.60 -14.70
N GLU A 241 -0.83 -9.34 -15.61
CA GLU A 241 -1.01 -9.01 -17.02
C GLU A 241 -2.21 -9.73 -17.64
N ASN A 242 -2.42 -11.02 -17.33
CA ASN A 242 -3.45 -11.79 -18.05
C ASN A 242 -4.85 -11.70 -17.43
N HIS A 243 -4.96 -11.55 -16.12
CA HIS A 243 -6.26 -11.55 -15.46
C HIS A 243 -6.27 -10.43 -14.43
N PRO A 244 -6.25 -9.18 -14.91
CA PRO A 244 -6.01 -8.05 -13.98
C PRO A 244 -7.08 -7.89 -12.91
N ASN A 245 -8.31 -8.20 -13.27
CA ASN A 245 -9.45 -8.05 -12.38
C ASN A 245 -9.45 -9.09 -11.26
N GLU A 246 -8.56 -10.07 -11.36
CA GLU A 246 -8.45 -11.10 -10.35
C GLU A 246 -7.34 -10.78 -9.37
N MET A 247 -6.52 -9.76 -9.66
CA MET A 247 -5.41 -9.43 -8.78
C MET A 247 -5.88 -9.17 -7.35
N PRO A 248 -6.95 -8.42 -7.10
CA PRO A 248 -7.40 -8.22 -5.71
C PRO A 248 -7.65 -9.52 -4.97
N ARG A 249 -8.10 -10.56 -5.67
CA ARG A 249 -8.26 -11.86 -5.03
C ARG A 249 -6.95 -12.35 -4.45
N ILE A 250 -5.86 -12.13 -5.19
CA ILE A 250 -4.55 -12.57 -4.70
C ILE A 250 -4.05 -11.66 -3.59
N TRP A 251 -4.28 -10.36 -3.71
CA TRP A 251 -3.81 -9.45 -2.66
C TRP A 251 -4.48 -9.77 -1.32
N ILE A 252 -5.78 -10.10 -1.32
CA ILE A 252 -6.45 -10.38 -0.06
C ILE A 252 -5.86 -11.65 0.56
N ALA A 253 -5.69 -12.70 -0.26
CA ALA A 253 -5.04 -13.91 0.20
C ALA A 253 -3.69 -13.60 0.84
N LEU A 254 -2.84 -12.87 0.12
CA LEU A 254 -1.54 -12.50 0.64
C LEU A 254 -1.65 -11.80 1.98
N ALA A 255 -2.66 -10.95 2.14
CA ALA A 255 -2.76 -10.16 3.36
C ALA A 255 -3.27 -11.00 4.52
N ARG A 256 -4.21 -11.94 4.26
CA ARG A 256 -4.74 -12.74 5.38
C ARG A 256 -3.69 -13.70 5.90
N GLU A 257 -2.87 -14.26 5.01
CA GLU A 257 -1.79 -15.13 5.46
C GLU A 257 -0.71 -14.34 6.18
N LEU A 258 -0.33 -13.19 5.60
CA LEU A 258 0.65 -12.34 6.25
C LEU A 258 0.11 -11.83 7.58
N GLY A 259 -1.19 -11.50 7.63
CA GLY A 259 -1.78 -10.97 8.85
C GLY A 259 -1.77 -11.96 9.99
N ALA A 260 -2.03 -13.23 9.68
CA ALA A 260 -1.87 -14.30 10.67
C ALA A 260 -0.40 -14.50 11.03
N ALA A 261 0.47 -14.56 10.02
CA ALA A 261 1.90 -14.75 10.23
C ALA A 261 2.50 -13.68 11.15
N VAL A 262 2.11 -12.40 10.95
CA VAL A 262 2.67 -11.31 11.75
C VAL A 262 2.19 -11.40 13.19
N HIS A 263 0.86 -11.49 13.35
CA HIS A 263 0.26 -11.53 14.69
C HIS A 263 0.86 -12.68 15.53
N SER A 264 1.22 -13.78 14.88
CA SER A 264 1.91 -14.90 15.54
C SER A 264 3.33 -14.53 15.93
N HIS A 265 4.04 -13.81 15.06
CA HIS A 265 5.37 -13.37 15.43
C HIS A 265 5.31 -12.35 16.55
N ALA A 266 4.26 -11.52 16.56
CA ALA A 266 4.10 -10.51 17.60
C ALA A 266 3.85 -11.15 18.96
N THR A 267 3.02 -12.20 18.99
CA THR A 267 2.68 -12.84 20.27
C THR A 267 3.82 -13.71 20.81
N SER A 268 4.65 -14.27 19.94
CA SER A 268 5.81 -15.02 20.42
C SER A 268 6.96 -14.11 20.84
N VAL A 269 7.07 -12.91 20.24
CA VAL A 269 8.08 -11.97 20.71
C VAL A 269 7.64 -11.26 21.99
N ARG A 270 6.34 -11.32 22.31
CA ARG A 270 5.87 -10.77 23.58
C ARG A 270 6.35 -11.56 24.78
N ILE A 271 6.65 -12.85 24.61
CA ILE A 271 6.97 -13.70 25.74
C ILE A 271 8.31 -13.30 26.41
N ALA A 272 9.25 -12.73 25.67
CA ALA A 272 10.48 -12.28 26.35
C ALA A 272 10.51 -10.76 26.51
N ASN A 277 7.49 -8.32 31.50
CA ASN A 277 8.73 -7.57 31.33
C ASN A 277 8.58 -6.43 30.32
N HIS A 278 7.34 -6.06 30.02
CA HIS A 278 7.01 -5.15 28.93
C HIS A 278 5.86 -4.26 29.35
N THR A 279 5.86 -3.02 28.86
CA THR A 279 4.76 -2.08 29.14
C THR A 279 3.68 -2.20 28.05
N ARG A 280 2.53 -2.77 28.42
CA ARG A 280 1.55 -3.20 27.42
C ARG A 280 0.94 -2.01 26.67
N ASP A 281 0.18 -1.17 27.35
CA ASP A 281 -0.64 -0.14 26.69
C ASP A 281 0.13 1.12 26.29
N VAL A 282 1.46 1.16 26.43
CA VAL A 282 2.19 2.30 25.85
C VAL A 282 2.49 2.07 24.37
N VAL A 283 2.03 0.95 23.79
CA VAL A 283 2.11 0.72 22.34
C VAL A 283 0.88 1.35 21.69
N ARG A 284 0.32 2.36 22.36
CA ARG A 284 -0.46 3.41 21.71
C ARG A 284 0.41 4.28 20.81
N MET A 285 1.73 4.06 20.82
CA MET A 285 2.62 4.44 19.73
C MET A 285 1.97 4.08 18.40
N ALA A 286 1.42 2.86 18.31
CA ALA A 286 0.79 2.38 17.08
C ALA A 286 -0.22 3.38 16.52
N ASN A 287 -1.05 3.97 17.38
CA ASN A 287 -2.04 4.91 16.88
C ASN A 287 -1.38 6.21 16.44
N GLU A 288 -0.23 6.53 17.04
CA GLU A 288 0.51 7.71 16.64
C GLU A 288 1.14 7.51 15.27
N SER A 289 2.00 6.48 15.14
CA SER A 289 2.66 6.22 13.87
C SER A 289 1.65 6.07 12.76
N SER A 290 0.57 5.32 13.00
CA SER A 290 -0.43 5.12 11.95
C SER A 290 -1.21 6.42 11.69
N ARG A 291 -1.10 7.40 12.58
CA ARG A 291 -1.64 8.73 12.28
C ARG A 291 -0.72 9.48 11.32
N LEU A 292 0.57 9.54 11.68
CA LEU A 292 1.56 10.23 10.86
C LEU A 292 1.72 9.58 9.49
N LEU A 293 1.70 8.24 9.47
CA LEU A 293 1.79 7.48 8.23
C LEU A 293 0.57 7.68 7.36
N GLN A 294 -0.62 7.82 7.96
CA GLN A 294 -1.80 8.08 7.15
C GLN A 294 -1.75 9.48 6.55
N GLY A 295 -1.14 10.43 7.25
CA GLY A 295 -0.96 11.75 6.67
C GLY A 295 -0.01 11.72 5.50
N MET A 296 1.16 11.10 5.69
CA MET A 296 2.08 10.89 4.58
C MET A 296 1.39 10.27 3.38
N LYS A 297 0.56 9.23 3.62
CA LYS A 297 -0.01 8.47 2.50
C LYS A 297 -0.83 9.37 1.57
N VAL A 298 -1.66 10.25 2.12
CA VAL A 298 -2.50 11.09 1.27
C VAL A 298 -1.65 12.16 0.58
N LEU A 299 -0.52 12.58 1.19
CA LEU A 299 0.40 13.50 0.54
C LEU A 299 1.21 12.82 -0.56
N SER A 300 1.69 11.61 -0.30
CA SER A 300 2.59 10.94 -1.22
C SER A 300 2.54 9.44 -0.90
N VAL A 301 1.77 8.69 -1.68
CA VAL A 301 1.74 7.25 -1.46
C VAL A 301 3.15 6.68 -1.55
N GLY A 302 3.98 7.23 -2.43
CA GLY A 302 5.32 6.69 -2.59
C GLY A 302 6.17 6.90 -1.37
N ALA A 303 6.11 8.09 -0.78
CA ALA A 303 6.89 8.37 0.42
C ALA A 303 6.50 7.43 1.54
N TRP A 304 5.20 7.20 1.70
CA TRP A 304 4.70 6.26 2.70
C TRP A 304 5.28 4.87 2.50
N ALA A 305 5.20 4.36 1.26
CA ALA A 305 5.74 3.04 0.97
C ALA A 305 7.22 2.94 1.31
N ASN A 306 7.95 4.04 1.18
CA ASN A 306 9.35 4.02 1.54
C ASN A 306 9.50 3.95 3.05
N THR A 307 8.79 4.81 3.78
CA THR A 307 8.92 4.76 5.23
C THR A 307 8.29 3.50 5.81
N MET A 308 7.30 2.88 5.14
CA MET A 308 6.85 1.56 5.56
C MET A 308 8.00 0.56 5.52
N THR A 309 8.69 0.48 4.37
CA THR A 309 9.79 -0.47 4.25
C THR A 309 10.93 -0.14 5.19
N VAL A 310 10.97 1.07 5.75
CA VAL A 310 11.97 1.33 6.77
C VAL A 310 11.58 0.63 8.07
N LEU A 311 10.31 0.76 8.44
CA LEU A 311 9.80 0.07 9.62
C LEU A 311 10.01 -1.43 9.49
N ILE A 312 9.66 -1.98 8.33
CA ILE A 312 9.79 -3.42 8.12
C ILE A 312 11.24 -3.85 8.31
N GLY A 313 12.19 -3.02 7.87
CA GLY A 313 13.59 -3.37 8.00
C GLY A 313 14.08 -3.48 9.43
N ASP A 314 13.37 -2.87 10.38
CA ASP A 314 13.68 -3.04 11.80
C ASP A 314 12.91 -4.20 12.43
N LEU A 315 12.15 -4.94 11.65
CA LEU A 315 11.34 -6.01 12.22
C LEU A 315 11.87 -7.36 11.75
N PHE A 316 11.45 -8.41 12.45
CA PHE A 316 11.80 -9.80 12.12
C PHE A 316 13.29 -10.11 12.26
N GLU A 317 14.11 -9.21 12.75
CA GLU A 317 15.53 -9.50 12.92
C GLU A 317 15.79 -10.00 14.34
N HIS A 318 17.03 -9.86 14.83
CA HIS A 318 17.38 -10.25 16.20
C HIS A 318 18.67 -9.54 16.63
N LYS B 1 23.38 -7.82 6.50
CA LYS B 1 24.03 -6.70 5.83
C LYS B 1 23.13 -5.44 5.93
N LYS B 2 23.63 -4.29 5.46
CA LYS B 2 22.91 -3.03 5.62
C LYS B 2 21.66 -2.95 4.76
N LYS B 3 20.56 -2.47 5.36
CA LYS B 3 19.34 -2.16 4.62
C LYS B 3 19.47 -0.79 3.97
N ARG B 4 19.25 -0.73 2.65
CA ARG B 4 19.47 0.53 1.92
C ARG B 4 18.63 1.68 2.49
N LEU B 5 17.42 1.38 2.98
CA LEU B 5 16.54 2.42 3.52
C LEU B 5 16.56 2.34 5.05
N THR B 6 17.24 3.32 5.67
CA THR B 6 17.33 3.49 7.11
C THR B 6 16.50 4.69 7.54
N LYS B 7 16.41 4.90 8.87
CA LYS B 7 15.50 5.93 9.40
C LYS B 7 15.80 7.32 8.84
N ALA B 8 17.03 7.58 8.42
CA ALA B 8 17.33 8.90 7.86
C ALA B 8 16.72 9.09 6.48
N ASP B 9 16.31 8.00 5.81
CA ASP B 9 15.67 8.01 4.50
C ASP B 9 14.14 8.12 4.58
N ILE B 10 13.56 8.40 5.75
CA ILE B 10 12.11 8.45 5.91
C ILE B 10 11.53 9.62 5.14
N GLY B 11 10.53 9.36 4.31
CA GLY B 11 9.92 10.41 3.52
C GLY B 11 10.59 10.65 2.19
N THR B 12 11.71 10.00 1.90
CA THR B 12 12.32 10.14 0.59
C THR B 12 11.45 9.45 -0.45
N PRO B 13 11.47 9.94 -1.70
CA PRO B 13 10.58 9.39 -2.74
C PRO B 13 10.95 7.96 -3.15
N SER B 14 9.92 7.14 -3.40
CA SER B 14 10.18 5.78 -3.83
C SER B 14 10.61 5.75 -5.29
N ASN B 15 11.57 4.90 -5.59
CA ASN B 15 11.95 4.68 -6.97
C ASN B 15 10.93 3.82 -7.74
N PHE B 16 9.74 3.59 -7.18
CA PHE B 16 8.66 2.85 -7.83
C PHE B 16 7.47 3.76 -8.07
N GLN B 17 6.53 3.27 -8.89
CA GLN B 17 5.40 4.07 -9.32
C GLN B 17 4.15 3.67 -8.53
N HIS B 18 3.43 4.65 -8.00
CA HIS B 18 2.37 4.35 -7.05
C HIS B 18 1.03 4.94 -7.47
N ILE B 19 -0.05 4.21 -7.16
CA ILE B 19 -1.39 4.58 -7.61
C ILE B 19 -1.90 5.80 -6.88
N GLY B 20 -1.79 5.81 -5.56
CA GLY B 20 -2.35 7.05 -5.03
C GLY B 20 -3.69 6.81 -4.37
N HIS B 21 -3.92 7.49 -3.27
CA HIS B 21 -5.08 7.20 -2.42
C HIS B 21 -6.37 7.55 -3.14
N VAL B 22 -7.25 6.56 -3.31
CA VAL B 22 -8.54 6.81 -3.95
C VAL B 22 -8.24 7.29 -5.36
N GLY B 23 -7.08 6.91 -5.90
CA GLY B 23 -6.66 7.38 -7.22
C GLY B 23 -6.52 8.88 -7.35
N TRP B 24 -6.30 9.60 -6.25
CA TRP B 24 -6.19 11.06 -6.21
C TRP B 24 -4.81 11.49 -5.74
N ASP B 25 -4.20 12.49 -6.47
CA ASP B 25 -2.94 13.16 -6.07
C ASP B 25 -3.23 14.63 -5.72
N PRO B 26 -2.69 15.11 -4.59
CA PRO B 26 -3.06 16.47 -4.12
C PRO B 26 -2.46 17.63 -4.91
N ASN B 27 -1.59 17.38 -5.90
CA ASN B 27 -1.17 18.43 -6.83
C ASN B 27 -1.74 18.26 -8.23
N THR B 28 -1.82 17.02 -8.75
CA THR B 28 -2.29 16.76 -10.10
C THR B 28 -3.74 16.29 -10.16
N GLY B 29 -4.42 16.14 -9.03
CA GLY B 29 -5.79 15.65 -9.07
C GLY B 29 -5.86 14.16 -9.39
N PHE B 30 -6.99 13.74 -9.95
CA PHE B 30 -7.29 12.33 -10.13
C PHE B 30 -6.51 11.78 -11.31
N ASP B 31 -5.72 10.72 -11.09
CA ASP B 31 -5.12 9.99 -12.20
C ASP B 31 -6.19 9.30 -13.02
N LEU B 32 -6.42 9.74 -14.25
CA LEU B 32 -7.57 9.22 -14.97
C LEU B 32 -7.38 7.82 -15.53
N ASN B 33 -6.14 7.32 -15.67
CA ASN B 33 -5.98 5.95 -16.16
C ASN B 33 -6.25 4.94 -15.04
N ASN B 34 -5.93 5.32 -13.81
CA ASN B 34 -6.09 4.48 -12.62
C ASN B 34 -7.19 5.01 -11.68
N LEU B 35 -8.14 5.76 -12.21
CA LEU B 35 -9.40 6.03 -11.52
C LEU B 35 -10.22 4.77 -11.34
N ASP B 36 -10.99 4.74 -10.25
CA ASP B 36 -11.85 3.58 -10.05
C ASP B 36 -13.00 3.65 -11.05
N PRO B 37 -13.45 2.51 -11.60
CA PRO B 37 -14.53 2.58 -12.59
C PRO B 37 -15.85 3.06 -12.01
N GLU B 38 -16.24 2.53 -10.85
CA GLU B 38 -17.51 2.90 -10.23
C GLU B 38 -17.50 4.35 -9.75
N LEU B 39 -16.33 4.84 -9.32
CA LEU B 39 -16.21 6.26 -9.02
C LEU B 39 -16.33 7.10 -10.28
N LYS B 40 -15.64 6.72 -11.37
CA LYS B 40 -15.86 7.39 -12.65
C LYS B 40 -17.35 7.43 -12.99
N ASN B 41 -18.02 6.26 -12.94
CA ASN B 41 -19.46 6.20 -13.25
C ASN B 41 -20.25 7.21 -12.42
N LEU B 42 -19.94 7.30 -11.13
CA LEU B 42 -20.57 8.34 -10.35
C LEU B 42 -20.28 9.70 -10.93
N PHE B 43 -19.01 9.99 -11.27
CA PHE B 43 -18.65 11.34 -11.73
C PHE B 43 -19.33 11.68 -13.05
N ASP B 44 -19.58 10.69 -13.92
CA ASP B 44 -20.24 10.97 -15.19
C ASP B 44 -21.72 11.29 -14.99
N MET B 45 -22.36 10.62 -14.03
CA MET B 45 -23.74 10.95 -13.70
C MET B 45 -23.87 12.35 -13.12
N CYS B 46 -22.76 12.94 -12.68
CA CYS B 46 -22.75 14.29 -12.13
C CYS B 46 -22.21 15.31 -13.12
N GLY B 47 -22.01 14.89 -14.37
CA GLY B 47 -21.54 15.79 -15.40
C GLY B 47 -20.14 16.35 -15.17
N ILE B 48 -19.40 15.79 -14.22
CA ILE B 48 -18.09 16.33 -13.85
C ILE B 48 -17.10 16.14 -14.98
N SER B 49 -16.50 17.24 -15.42
CA SER B 49 -15.59 17.29 -16.54
C SER B 49 -14.26 16.64 -16.19
N GLU B 50 -13.60 16.09 -17.20
CA GLU B 50 -12.25 15.55 -17.03
C GLU B 50 -11.29 16.65 -16.59
N ALA B 51 -11.56 17.90 -16.99
CA ALA B 51 -10.74 19.04 -16.61
C ALA B 51 -11.04 19.50 -15.19
N GLN B 52 -12.22 19.19 -14.65
CA GLN B 52 -12.50 19.49 -13.26
C GLN B 52 -11.87 18.45 -12.35
N LEU B 53 -11.77 17.21 -12.83
CA LEU B 53 -11.17 16.14 -12.04
C LEU B 53 -9.67 16.35 -11.91
N LYS B 54 -9.04 16.84 -12.98
CA LYS B 54 -7.62 17.12 -13.08
C LYS B 54 -7.22 18.48 -12.51
N ASP B 55 -8.18 19.31 -12.07
CA ASP B 55 -7.90 20.59 -11.41
C ASP B 55 -7.74 20.42 -9.90
N ARG B 56 -6.74 21.08 -9.34
CA ARG B 56 -6.45 20.87 -7.92
C ARG B 56 -7.61 21.36 -7.05
N GLU B 57 -8.01 22.63 -7.19
CA GLU B 57 -9.04 23.18 -6.30
C GLU B 57 -10.34 22.38 -6.34
N THR B 58 -10.77 21.96 -7.53
CA THR B 58 -12.04 21.25 -7.61
C THR B 58 -11.92 19.78 -7.20
N SER B 59 -10.84 19.08 -7.59
CA SER B 59 -10.74 17.66 -7.25
C SER B 59 -10.67 17.46 -5.75
N LYS B 60 -9.99 18.37 -5.04
CA LYS B 60 -10.03 18.34 -3.57
C LYS B 60 -11.47 18.32 -3.06
N VAL B 61 -12.30 19.24 -3.57
CA VAL B 61 -13.67 19.30 -3.08
C VAL B 61 -14.46 18.05 -3.44
N ILE B 62 -14.16 17.42 -4.59
CA ILE B 62 -14.73 16.11 -4.89
C ILE B 62 -14.20 15.06 -3.93
N TYR B 63 -12.87 14.95 -3.85
CA TYR B 63 -12.24 14.01 -2.92
C TYR B 63 -12.87 14.10 -1.53
N ASP B 64 -13.04 15.33 -1.04
CA ASP B 64 -13.46 15.57 0.34
C ASP B 64 -14.91 15.19 0.56
N PHE B 65 -15.79 15.56 -0.36
CA PHE B 65 -17.16 15.05 -0.33
C PHE B 65 -17.17 13.54 -0.29
N ILE B 66 -16.43 12.89 -1.20
CA ILE B 66 -16.40 11.42 -1.23
C ILE B 66 -15.99 10.85 0.12
N GLU B 67 -14.98 11.45 0.75
CA GLU B 67 -14.63 11.00 2.09
C GLU B 67 -15.75 11.29 3.07
N LYS B 68 -16.43 12.44 2.92
CA LYS B 68 -17.50 12.78 3.84
C LYS B 68 -18.59 11.72 3.86
N THR B 69 -19.03 11.27 2.70
CA THR B 69 -20.23 10.46 2.61
C THR B 69 -19.97 8.99 2.82
N GLY B 70 -18.76 8.62 3.26
CA GLY B 70 -18.47 7.25 3.64
C GLY B 70 -17.46 6.56 2.75
N GLY B 71 -16.50 7.32 2.23
CA GLY B 71 -15.46 6.73 1.42
C GLY B 71 -15.96 6.15 0.12
N VAL B 72 -15.03 5.64 -0.69
CA VAL B 72 -15.41 5.04 -1.96
C VAL B 72 -16.31 3.83 -1.74
N GLU B 73 -16.12 3.12 -0.62
CA GLU B 73 -16.90 1.92 -0.32
C GLU B 73 -18.39 2.18 -0.37
N ALA B 74 -18.85 3.25 0.28
CA ALA B 74 -20.28 3.55 0.26
C ALA B 74 -20.75 3.83 -1.17
N VAL B 75 -19.94 4.55 -1.96
CA VAL B 75 -20.34 4.84 -3.33
C VAL B 75 -20.49 3.54 -4.14
N LYS B 76 -19.51 2.65 -4.01
CA LYS B 76 -19.60 1.37 -4.70
C LYS B 76 -20.87 0.64 -4.32
N ASN B 77 -21.07 0.40 -3.02
CA ASN B 77 -22.32 -0.19 -2.55
C ASN B 77 -23.54 0.54 -3.10
N GLU B 78 -23.40 1.78 -3.55
CA GLU B 78 -24.67 2.41 -3.85
C GLU B 78 -25.04 2.15 -5.29
N LEU B 79 -24.06 2.36 -6.18
CA LEU B 79 -24.20 2.01 -7.58
C LEU B 79 -24.54 0.54 -7.75
N ARG B 80 -24.05 -0.30 -6.83
CA ARG B 80 -24.35 -1.74 -6.92
C ARG B 80 -25.79 -2.05 -6.55
N ARG B 81 -26.27 -1.59 -5.38
CA ARG B 81 -27.70 -1.62 -5.09
C ARG B 81 -28.53 -1.10 -6.27
N GLN B 82 -28.16 0.06 -6.81
CA GLN B 82 -28.92 0.59 -7.94
C GLN B 82 -28.95 -0.34 -9.13
N ALA B 83 -27.91 -1.13 -9.32
CA ALA B 83 -27.85 -2.02 -10.47
C ALA B 83 -28.70 -3.25 -10.24
N GLU B 84 -28.64 -3.85 -9.05
CA GLU B 84 -29.52 -4.98 -8.75
C GLU B 84 -30.97 -4.51 -8.63
N ASN B 85 -31.23 -3.26 -8.23
CA ASN B 85 -32.59 -2.72 -8.37
C ASN B 85 -32.98 -2.59 -9.82
N LEU B 86 -32.09 -2.12 -10.67
CA LEU B 86 -32.43 -2.01 -12.08
C LEU B 86 -32.60 -3.38 -12.71
N TYR B 87 -32.05 -4.44 -12.08
CA TYR B 87 -32.19 -5.79 -12.62
C TYR B 87 -33.63 -6.27 -12.46
N PHE B 88 -34.13 -6.20 -11.22
CA PHE B 88 -35.50 -6.57 -10.87
C PHE B 88 -36.56 -5.67 -11.51
N GLN B 89 -36.21 -4.42 -11.86
CA GLN B 89 -37.16 -3.51 -12.47
C GLN B 89 -37.20 -3.63 -13.99
N GLY B 90 -36.27 -4.36 -14.59
CA GLY B 90 -36.40 -4.70 -15.99
C GLY B 90 -37.27 -5.90 -16.26
N LEU B 91 -37.82 -6.50 -15.21
CA LEU B 91 -38.58 -7.73 -15.29
C LEU B 91 -40.05 -7.38 -15.52
N GLU B 92 -40.68 -7.99 -16.53
CA GLU B 92 -42.05 -7.66 -16.94
C GLU B 92 -43.03 -8.78 -16.60
N HIS B 93 -43.99 -8.47 -15.73
CA HIS B 93 -45.06 -9.41 -15.34
C HIS B 93 -46.35 -9.21 -16.19
#